data_5JR5
#
_entry.id   5JR5
#
_cell.length_a   110.520
_cell.length_b   110.520
_cell.length_c   71.040
_cell.angle_alpha   90.00
_cell.angle_beta   90.00
_cell.angle_gamma   120.00
#
_symmetry.space_group_name_H-M   'P 31 2 1'
#
loop_
_entity.id
_entity.type
_entity.pdbx_description
1 polymer Tetrabrachion
2 non-polymer octathiocane
3 non-polymer 'SULFATE ION'
4 water water
#
_entity_poly.entity_id   1
_entity_poly.type   'polypeptide(L)'
_entity_poly.pdbx_seq_one_letter_code
;GSIINETADDIVYRLTVIIDDRYESLKNLITLRADRLEMIINDNVSTILASI
;
_entity_poly.pdbx_strand_id   A,B,C,D
#
loop_
_chem_comp.id
_chem_comp.type
_chem_comp.name
_chem_comp.formula
PS9 non-polymer octathiocane S8
SO4 non-polymer 'SULFATE ION' 'O4 S -2'
#
# COMPACT_ATOMS: atom_id res chain seq x y z
N GLY A 1 15.88 -14.39 -29.08
CA GLY A 1 16.98 -14.94 -28.23
C GLY A 1 16.86 -16.46 -28.16
N SER A 2 17.60 -17.09 -27.24
CA SER A 2 17.51 -18.54 -27.07
C SER A 2 16.15 -18.89 -26.44
N ILE A 3 15.76 -20.17 -26.51
CA ILE A 3 14.52 -20.67 -25.90
C ILE A 3 14.46 -20.31 -24.44
N ILE A 4 15.56 -20.54 -23.72
CA ILE A 4 15.53 -20.30 -22.27
C ILE A 4 15.47 -18.80 -21.93
N ASN A 5 16.18 -17.99 -22.71
CA ASN A 5 16.15 -16.53 -22.51
CA ASN A 5 16.15 -16.53 -22.51
C ASN A 5 14.77 -15.97 -22.78
N GLU A 6 14.12 -16.47 -23.83
CA GLU A 6 12.78 -16.03 -24.18
C GLU A 6 11.78 -16.44 -23.11
N THR A 7 11.96 -17.64 -22.56
CA THR A 7 11.09 -18.12 -21.49
C THR A 7 11.26 -17.29 -20.22
N ALA A 8 12.52 -17.02 -19.85
CA ALA A 8 12.77 -16.14 -18.72
C ALA A 8 12.16 -14.76 -18.94
N ASP A 9 12.35 -14.18 -20.14
CA ASP A 9 11.72 -12.89 -20.44
C ASP A 9 10.20 -12.95 -20.29
N ASP A 10 9.58 -14.01 -20.76
CA ASP A 10 8.14 -14.19 -20.68
C ASP A 10 7.65 -14.25 -19.23
N ILE A 11 8.36 -15.02 -18.40
CA ILE A 11 8.01 -15.09 -16.97
C ILE A 11 8.11 -13.71 -16.33
N VAL A 12 9.22 -13.02 -16.51
CA VAL A 12 9.41 -11.70 -15.93
C VAL A 12 8.35 -10.72 -16.44
N TYR A 13 8.09 -10.75 -17.74
CA TYR A 13 7.09 -9.87 -18.31
C TYR A 13 5.71 -10.10 -17.72
N ARG A 14 5.29 -11.36 -17.69
CA ARG A 14 3.95 -11.66 -17.25
C ARG A 14 3.75 -11.29 -15.76
N LEU A 15 4.75 -11.54 -14.91
CA LEU A 15 4.61 -11.20 -13.50
C LEU A 15 4.75 -9.70 -13.26
N THR A 16 5.48 -9.00 -14.14
CA THR A 16 5.60 -7.56 -14.05
C THR A 16 4.22 -6.94 -14.30
N VAL A 17 3.49 -7.47 -15.28
CA VAL A 17 2.16 -6.97 -15.56
C VAL A 17 1.26 -7.14 -14.34
N ILE A 18 1.34 -8.31 -13.71
CA ILE A 18 0.55 -8.59 -12.51
C ILE A 18 0.94 -7.62 -11.40
N ILE A 19 2.24 -7.56 -11.10
CA ILE A 19 2.73 -6.69 -10.04
C ILE A 19 2.31 -5.25 -10.31
N ASP A 20 2.54 -4.75 -11.53
CA ASP A 20 2.19 -3.37 -11.88
C ASP A 20 0.69 -3.08 -11.69
N ASP A 21 -0.16 -4.04 -12.05
CA ASP A 21 -1.61 -3.86 -11.94
CA ASP A 21 -1.60 -3.84 -11.94
C ASP A 21 -2.02 -3.72 -10.47
N ARG A 22 -1.48 -4.60 -9.63
CA ARG A 22 -1.85 -4.56 -8.21
C ARG A 22 -1.32 -3.29 -7.60
N TYR A 23 -0.09 -2.93 -7.95
CA TYR A 23 0.52 -1.69 -7.48
C TYR A 23 -0.35 -0.47 -7.82
N GLU A 24 -0.73 -0.37 -9.10
CA GLU A 24 -1.56 0.72 -9.55
C GLU A 24 -2.87 0.79 -8.79
N SER A 25 -3.50 -0.35 -8.52
CA SER A 25 -4.75 -0.38 -7.76
C SER A 25 -4.55 0.08 -6.31
N LEU A 26 -3.46 -0.35 -5.69
CA LEU A 26 -3.17 0.12 -4.34
C LEU A 26 -2.85 1.61 -4.32
N LYS A 27 -2.04 2.08 -5.26
CA LYS A 27 -1.73 3.49 -5.35
C LYS A 27 -3.02 4.32 -5.52
N ASN A 28 -3.91 3.89 -6.41
CA ASN A 28 -5.16 4.57 -6.65
C ASN A 28 -6.04 4.58 -5.39
N LEU A 29 -6.05 3.48 -4.65
CA LEU A 29 -6.87 3.38 -3.45
C LEU A 29 -6.39 4.31 -2.36
N ILE A 30 -5.08 4.28 -2.09
CA ILE A 30 -4.47 5.19 -1.12
C ILE A 30 -4.73 6.64 -1.51
N THR A 31 -4.52 6.98 -2.78
CA THR A 31 -4.71 8.34 -3.23
C THR A 31 -6.18 8.76 -3.03
N LEU A 32 -7.09 7.86 -3.39
CA LEU A 32 -8.53 8.11 -3.25
C LEU A 32 -8.91 8.35 -1.78
N ARG A 33 -8.48 7.46 -0.88
CA ARG A 33 -8.91 7.57 0.50
C ARG A 33 -8.29 8.82 1.15
N ALA A 34 -7.01 9.05 0.90
CA ALA A 34 -6.36 10.23 1.48
C ALA A 34 -6.97 11.51 0.93
N ASP A 35 -7.23 11.56 -0.39
CA ASP A 35 -7.87 12.71 -0.99
C ASP A 35 -9.21 12.98 -0.31
N ARG A 36 -9.96 11.91 -0.04
CA ARG A 36 -11.29 12.07 0.55
C ARG A 36 -11.18 12.53 1.97
N LEU A 37 -10.20 12.02 2.72
CA LEU A 37 -10.03 12.54 4.08
C LEU A 37 -9.71 14.04 4.06
N GLU A 38 -8.86 14.49 3.14
CA GLU A 38 -8.52 15.92 3.07
C GLU A 38 -9.76 16.75 2.74
N MET A 39 -10.58 16.23 1.84
CA MET A 39 -11.82 16.91 1.49
C MET A 39 -12.77 17.05 2.68
N ILE A 40 -12.97 15.96 3.41
CA ILE A 40 -13.80 15.97 4.61
C ILE A 40 -13.26 16.98 5.65
N ILE A 41 -11.97 16.87 5.95
CA ILE A 41 -11.36 17.78 6.93
C ILE A 41 -11.48 19.25 6.51
N ASN A 42 -11.23 19.56 5.24
CA ASN A 42 -11.37 20.93 4.77
CA ASN A 42 -11.36 20.93 4.75
C ASN A 42 -12.79 21.47 4.93
N ASP A 43 -13.79 20.64 4.64
CA ASP A 43 -15.18 21.03 4.80
C ASP A 43 -15.52 21.22 6.27
N ASN A 44 -15.06 20.31 7.11
CA ASN A 44 -15.33 20.38 8.55
C ASN A 44 -14.73 21.60 9.21
N VAL A 45 -13.49 21.94 8.89
CA VAL A 45 -12.89 23.14 9.47
C VAL A 45 -13.69 24.38 9.07
N SER A 46 -14.15 24.46 7.83
CA SER A 46 -14.96 25.59 7.39
CA SER A 46 -14.94 25.60 7.40
C SER A 46 -16.23 25.67 8.21
N THR A 47 -16.86 24.52 8.42
CA THR A 47 -18.09 24.48 9.22
C THR A 47 -17.84 24.90 10.70
N ILE A 48 -16.77 24.39 11.32
CA ILE A 48 -16.41 24.81 12.67
C ILE A 48 -16.16 26.32 12.75
N LEU A 49 -15.33 26.85 11.86
CA LEU A 49 -15.04 28.31 11.86
C LEU A 49 -16.31 29.15 11.68
N ALA A 50 -17.25 28.70 10.87
CA ALA A 50 -18.51 29.41 10.67
C ALA A 50 -19.47 29.28 11.85
N SER A 51 -19.21 28.35 12.75
CA SER A 51 -20.03 28.18 13.95
C SER A 51 -19.38 28.86 15.16
N ILE A 52 -18.17 29.39 14.95
CA ILE A 52 -17.44 30.15 15.97
C ILE A 52 -16.84 29.22 17.01
N GLY B 1 2.37 -28.53 -26.35
CA GLY B 1 2.32 -28.38 -24.86
C GLY B 1 3.57 -27.73 -24.31
N SER B 2 4.71 -28.41 -24.49
CA SER B 2 6.02 -27.93 -24.06
C SER B 2 6.20 -27.95 -22.52
N ILE B 3 7.15 -28.77 -22.07
CA ILE B 3 7.54 -28.83 -20.66
C ILE B 3 7.95 -27.45 -20.17
N ILE B 4 8.70 -26.75 -21.01
CA ILE B 4 9.26 -25.46 -20.68
C ILE B 4 8.13 -24.43 -20.47
N ASN B 5 7.17 -24.41 -21.39
CA ASN B 5 6.06 -23.47 -21.30
C ASN B 5 5.08 -23.79 -20.17
N GLU B 6 4.88 -25.09 -19.92
CA GLU B 6 4.04 -25.50 -18.80
C GLU B 6 4.68 -25.09 -17.48
N THR B 7 6.00 -25.23 -17.37
CA THR B 7 6.72 -24.82 -16.17
C THR B 7 6.63 -23.31 -15.99
N ALA B 8 6.94 -22.53 -17.04
CA ALA B 8 6.72 -21.09 -17.02
C ALA B 8 5.30 -20.75 -16.56
N ASP B 9 4.31 -21.39 -17.16
CA ASP B 9 2.91 -21.10 -16.80
C ASP B 9 2.69 -21.36 -15.30
N ASP B 10 3.31 -22.43 -14.80
CA ASP B 10 3.16 -22.83 -13.40
C ASP B 10 3.77 -21.81 -12.44
N ILE B 11 4.96 -21.30 -12.78
CA ILE B 11 5.63 -20.30 -11.98
C ILE B 11 4.78 -19.03 -11.96
N VAL B 12 4.28 -18.62 -13.14
CA VAL B 12 3.51 -17.38 -13.19
C VAL B 12 2.20 -17.53 -12.41
N TYR B 13 1.57 -18.69 -12.52
CA TYR B 13 0.33 -18.94 -11.79
C TYR B 13 0.53 -18.95 -10.28
N ARG B 14 1.52 -19.69 -9.81
CA ARG B 14 1.71 -19.77 -8.37
C ARG B 14 2.05 -18.41 -7.75
N LEU B 15 2.92 -17.66 -8.39
CA LEU B 15 3.27 -16.36 -7.85
C LEU B 15 2.11 -15.36 -7.98
N THR B 16 1.28 -15.51 -9.01
CA THR B 16 0.12 -14.65 -9.16
C THR B 16 -0.82 -14.84 -7.97
N VAL B 17 -0.98 -16.09 -7.54
CA VAL B 17 -1.84 -16.40 -6.40
C VAL B 17 -1.31 -15.71 -5.14
N ILE B 18 0.00 -15.81 -4.92
CA ILE B 18 0.66 -15.14 -3.79
C ILE B 18 0.46 -13.63 -3.84
N ILE B 19 0.79 -13.03 -4.99
CA ILE B 19 0.67 -11.59 -5.14
C ILE B 19 -0.78 -11.14 -4.89
N ASP B 20 -1.74 -11.88 -5.44
CA ASP B 20 -3.15 -11.52 -5.29
C ASP B 20 -3.59 -11.56 -3.83
N ASP B 21 -3.14 -12.57 -3.11
CA ASP B 21 -3.54 -12.76 -1.71
C ASP B 21 -3.00 -11.59 -0.87
N ARG B 22 -1.76 -11.17 -1.14
CA ARG B 22 -1.16 -10.08 -0.39
C ARG B 22 -1.83 -8.76 -0.78
N TYR B 23 -2.03 -8.56 -2.07
CA TYR B 23 -2.77 -7.42 -2.59
C TYR B 23 -4.12 -7.28 -1.87
N GLU B 24 -4.89 -8.35 -1.81
CA GLU B 24 -6.23 -8.28 -1.19
C GLU B 24 -6.13 -7.95 0.30
N SER B 25 -5.12 -8.50 0.99
CA SER B 25 -4.92 -8.19 2.40
C SER B 25 -4.61 -6.71 2.58
N LEU B 26 -3.75 -6.15 1.74
CA LEU B 26 -3.44 -4.75 1.88
C LEU B 26 -4.64 -3.88 1.55
N LYS B 27 -5.36 -4.25 0.49
CA LYS B 27 -6.54 -3.50 0.09
C LYS B 27 -7.55 -3.43 1.24
N ASN B 28 -7.80 -4.57 1.85
CA ASN B 28 -8.75 -4.66 2.93
C ASN B 28 -8.31 -3.84 4.15
N LEU B 29 -7.01 -3.88 4.46
CA LEU B 29 -6.48 -3.12 5.58
C LEU B 29 -6.59 -1.60 5.35
N ILE B 30 -6.18 -1.12 4.18
CA ILE B 30 -6.34 0.29 3.84
C ILE B 30 -7.81 0.69 3.94
N THR B 31 -8.71 -0.15 3.42
CA THR B 31 -10.13 0.21 3.43
C THR B 31 -10.59 0.32 4.87
N LEU B 32 -10.18 -0.65 5.68
CA LEU B 32 -10.57 -0.69 7.07
C LEU B 32 -10.08 0.55 7.84
N ARG B 33 -8.78 0.83 7.73
CA ARG B 33 -8.22 1.96 8.43
C ARG B 33 -8.77 3.31 7.95
N ALA B 34 -8.95 3.48 6.63
CA ALA B 34 -9.53 4.76 6.13
C ALA B 34 -10.98 4.92 6.60
N ASP B 35 -11.74 3.81 6.63
CA ASP B 35 -13.09 3.86 7.16
C ASP B 35 -13.12 4.29 8.63
N ARG B 36 -12.24 3.71 9.46
CA ARG B 36 -12.11 4.09 10.87
C ARG B 36 -11.80 5.58 11.04
N LEU B 37 -10.88 6.10 10.22
CA LEU B 37 -10.53 7.49 10.30
C LEU B 37 -11.73 8.40 9.96
N GLU B 38 -12.47 8.07 8.90
CA GLU B 38 -13.63 8.88 8.55
C GLU B 38 -14.63 8.87 9.68
N MET B 39 -14.82 7.71 10.28
CA MET B 39 -15.76 7.57 11.39
C MET B 39 -15.35 8.41 12.61
N ILE B 40 -14.08 8.35 12.96
CA ILE B 40 -13.58 9.09 14.11
C ILE B 40 -13.67 10.60 13.87
N ILE B 41 -13.31 11.01 12.67
CA ILE B 41 -13.40 12.42 12.32
C ILE B 41 -14.84 12.86 12.37
N ASN B 42 -15.73 12.10 11.75
CA ASN B 42 -17.16 12.45 11.76
C ASN B 42 -17.73 12.58 13.19
N ASP B 43 -17.44 11.59 14.04
CA ASP B 43 -17.84 11.62 15.47
C ASP B 43 -17.30 12.90 16.14
N ASN B 44 -16.01 13.14 15.97
CA ASN B 44 -15.36 14.23 16.69
C ASN B 44 -15.90 15.59 16.25
N VAL B 45 -16.10 15.76 14.95
CA VAL B 45 -16.57 17.06 14.47
C VAL B 45 -18.00 17.26 14.92
N SER B 46 -18.80 16.21 14.89
CA SER B 46 -20.18 16.31 15.38
C SER B 46 -20.19 16.66 16.87
N THR B 47 -19.21 16.17 17.62
CA THR B 47 -19.10 16.49 19.04
C THR B 47 -18.74 17.97 19.25
N ILE B 48 -17.75 18.44 18.49
CA ILE B 48 -17.36 19.84 18.54
C ILE B 48 -18.55 20.72 18.21
N LEU B 49 -19.23 20.44 17.11
CA LEU B 49 -20.35 21.31 16.72
C LEU B 49 -21.46 21.28 17.74
N ALA B 50 -21.70 20.13 18.38
CA ALA B 50 -22.72 20.05 19.42
C ALA B 50 -22.28 20.79 20.69
N SER B 51 -20.97 20.95 20.88
CA SER B 51 -20.46 21.60 22.08
C SER B 51 -20.35 23.13 21.93
N ILE B 52 -20.65 23.62 20.73
CA ILE B 52 -20.82 25.05 20.43
C ILE B 52 -19.53 25.62 19.86
N GLY C 1 9.77 -34.45 -9.62
CA GLY C 1 11.03 -34.10 -8.89
C GLY C 1 12.18 -33.79 -9.82
N SER C 2 11.85 -33.36 -11.03
CA SER C 2 12.84 -33.05 -12.05
C SER C 2 13.70 -31.85 -11.66
N ILE C 3 14.77 -31.61 -12.42
CA ILE C 3 15.59 -30.42 -12.26
C ILE C 3 14.75 -29.19 -12.62
N ILE C 4 13.84 -29.34 -13.58
CA ILE C 4 12.97 -28.25 -13.98
C ILE C 4 11.97 -27.90 -12.89
N ASN C 5 11.41 -28.92 -12.23
CA ASN C 5 10.40 -28.69 -11.21
C ASN C 5 10.97 -28.21 -9.88
N GLU C 6 12.16 -28.69 -9.55
CA GLU C 6 12.88 -28.21 -8.38
C GLU C 6 13.25 -26.75 -8.60
N THR C 7 13.64 -26.43 -9.82
CA THR C 7 14.02 -25.07 -10.19
C THR C 7 12.81 -24.16 -10.10
N ALA C 8 11.68 -24.60 -10.64
CA ALA C 8 10.44 -23.83 -10.53
C ALA C 8 10.11 -23.58 -9.06
N ASP C 9 10.23 -24.61 -8.22
CA ASP C 9 9.88 -24.47 -6.79
C ASP C 9 10.78 -23.45 -6.11
N ASP C 10 12.06 -23.50 -6.45
CA ASP C 10 13.05 -22.59 -5.90
C ASP C 10 12.72 -21.13 -6.26
N ILE C 11 12.39 -20.88 -7.53
CA ILE C 11 12.03 -19.54 -7.99
C ILE C 11 10.81 -19.05 -7.22
N VAL C 12 9.80 -19.90 -7.10
CA VAL C 12 8.55 -19.47 -6.47
C VAL C 12 8.81 -19.20 -5.00
N TYR C 13 9.55 -20.10 -4.35
CA TYR C 13 9.88 -19.97 -2.94
C TYR C 13 10.63 -18.65 -2.66
N ARG C 14 11.68 -18.39 -3.43
CA ARG C 14 12.53 -17.24 -3.22
C ARG C 14 11.77 -15.90 -3.39
N LEU C 15 10.92 -15.83 -4.40
CA LEU C 15 10.19 -14.60 -4.64
C LEU C 15 9.03 -14.47 -3.63
N THR C 16 8.50 -15.58 -3.16
CA THR C 16 7.48 -15.54 -2.09
C THR C 16 8.06 -14.94 -0.81
N VAL C 17 9.28 -15.31 -0.45
CA VAL C 17 9.94 -14.79 0.74
C VAL C 17 10.08 -13.27 0.68
N ILE C 18 10.50 -12.76 -0.48
CA ILE C 18 10.64 -11.33 -0.76
C ILE C 18 9.31 -10.57 -0.76
N ILE C 19 8.31 -11.12 -1.46
CA ILE C 19 6.96 -10.56 -1.45
C ILE C 19 6.39 -10.48 -0.02
N ASP C 20 6.54 -11.54 0.75
CA ASP C 20 6.08 -11.57 2.12
C ASP C 20 6.76 -10.49 2.97
N ASP C 21 8.07 -10.32 2.77
CA ASP C 21 8.84 -9.36 3.52
C ASP C 21 8.29 -7.94 3.28
N ARG C 22 8.03 -7.62 2.00
CA ARG C 22 7.56 -6.28 1.64
C ARG C 22 6.12 -6.10 2.09
N TYR C 23 5.33 -7.15 1.95
CA TYR C 23 3.96 -7.11 2.41
C TYR C 23 3.89 -6.79 3.91
N GLU C 24 4.71 -7.49 4.71
CA GLU C 24 4.70 -7.27 6.15
C GLU C 24 5.13 -5.85 6.48
N SER C 25 6.11 -5.31 5.76
CA SER C 25 6.53 -3.93 5.99
C SER C 25 5.40 -2.95 5.69
N LEU C 26 4.69 -3.15 4.59
CA LEU C 26 3.60 -2.25 4.23
C LEU C 26 2.44 -2.35 5.22
N LYS C 27 2.14 -3.57 5.63
CA LYS C 27 1.11 -3.81 6.64
C LYS C 27 1.45 -3.07 7.94
N ASN C 28 2.70 -3.16 8.37
CA ASN C 28 3.13 -2.54 9.62
CA ASN C 28 3.14 -2.53 9.61
C ASN C 28 3.12 -1.02 9.50
N LEU C 29 3.58 -0.51 8.36
CA LEU C 29 3.55 0.93 8.11
C LEU C 29 2.11 1.49 8.14
N ILE C 30 1.21 0.86 7.39
CA ILE C 30 -0.20 1.28 7.38
C ILE C 30 -0.77 1.31 8.79
N THR C 31 -0.54 0.23 9.53
CA THR C 31 -1.05 0.14 10.88
C THR C 31 -0.49 1.25 11.80
N LEU C 32 0.83 1.42 11.78
CA LEU C 32 1.47 2.44 12.63
C LEU C 32 1.05 3.85 12.26
N ARG C 33 1.00 4.18 10.97
CA ARG C 33 0.60 5.54 10.56
C ARG C 33 -0.89 5.77 10.86
N ALA C 34 -1.74 4.78 10.63
CA ALA C 34 -3.15 4.96 10.98
C ALA C 34 -3.38 5.14 12.50
N ASP C 35 -2.74 4.30 13.32
CA ASP C 35 -2.79 4.48 14.78
C ASP C 35 -2.35 5.87 15.19
N ARG C 36 -1.25 6.31 14.60
CA ARG C 36 -0.71 7.59 14.91
C ARG C 36 -1.69 8.72 14.53
N LEU C 37 -2.28 8.64 13.35
CA LEU C 37 -3.26 9.64 12.95
C LEU C 37 -4.48 9.65 13.90
N GLU C 38 -4.95 8.47 14.34
CA GLU C 38 -6.10 8.46 15.27
C GLU C 38 -5.74 9.18 16.56
N MET C 39 -4.54 8.93 17.05
CA MET C 39 -4.05 9.58 18.27
C MET C 39 -3.98 11.13 18.11
N ILE C 40 -3.39 11.60 17.01
CA ILE C 40 -3.27 13.03 16.74
C ILE C 40 -4.66 13.68 16.60
N ILE C 41 -5.57 13.03 15.91
CA ILE C 41 -6.91 13.58 15.75
C ILE C 41 -7.61 13.74 17.11
N ASN C 42 -7.61 12.69 17.92
CA ASN C 42 -8.25 12.76 19.23
C ASN C 42 -7.56 13.76 20.16
N ASP C 43 -6.24 13.83 20.12
CA ASP C 43 -5.52 14.79 20.98
C ASP C 43 -5.91 16.22 20.63
N ASN C 44 -6.00 16.49 19.33
CA ASN C 44 -6.34 17.81 18.86
C ASN C 44 -7.79 18.20 19.13
N VAL C 45 -8.71 17.25 18.93
CA VAL C 45 -10.10 17.48 19.27
C VAL C 45 -10.26 17.80 20.76
N SER C 46 -9.55 17.09 21.63
CA SER C 46 -9.54 17.39 23.06
C SER C 46 -9.12 18.82 23.31
N THR C 47 -8.06 19.26 22.64
CA THR C 47 -7.60 20.65 22.77
C THR C 47 -8.69 21.65 22.34
N ILE C 48 -9.40 21.38 21.23
CA ILE C 48 -10.49 22.25 20.81
C ILE C 48 -11.65 22.23 21.81
N LEU C 49 -12.03 21.04 22.30
CA LEU C 49 -13.15 20.96 23.24
C LEU C 49 -12.81 21.71 24.54
N ALA C 50 -11.52 21.77 24.87
CA ALA C 50 -11.06 22.44 26.09
C ALA C 50 -11.04 23.97 25.94
N SER C 51 -11.04 24.45 24.70
CA SER C 51 -11.04 25.88 24.44
C SER C 51 -12.44 26.44 24.21
N ILE C 52 -13.45 25.64 24.56
CA ILE C 52 -14.86 26.06 24.46
C ILE C 52 -15.27 26.25 23.00
N GLY D 1 24.80 -27.48 -19.35
CA GLY D 1 25.57 -26.48 -18.51
C GLY D 1 24.78 -25.92 -17.35
N SER D 2 25.32 -24.87 -16.74
CA SER D 2 24.71 -24.23 -15.55
C SER D 2 23.64 -23.21 -15.91
N ILE D 3 23.22 -23.19 -17.18
CA ILE D 3 22.38 -22.11 -17.66
C ILE D 3 21.00 -22.09 -17.00
N ILE D 4 20.51 -23.23 -16.53
CA ILE D 4 19.18 -23.22 -15.90
C ILE D 4 19.25 -22.59 -14.51
N ASN D 5 20.30 -22.90 -13.76
CA ASN D 5 20.56 -22.24 -12.48
C ASN D 5 20.72 -20.73 -12.63
N GLU D 6 21.52 -20.34 -13.60
CA GLU D 6 21.82 -18.93 -13.85
C GLU D 6 20.57 -18.19 -14.31
N THR D 7 19.75 -18.85 -15.10
CA THR D 7 18.55 -18.19 -15.60
C THR D 7 17.55 -18.01 -14.48
N ALA D 8 17.40 -19.00 -13.61
CA ALA D 8 16.54 -18.87 -12.45
C ALA D 8 17.02 -17.71 -11.59
N ASP D 9 18.34 -17.59 -11.43
CA ASP D 9 18.86 -16.53 -10.57
C ASP D 9 18.56 -15.19 -11.18
N ASP D 10 18.61 -15.15 -12.50
CA ASP D 10 18.33 -13.94 -13.24
C ASP D 10 16.86 -13.51 -13.14
N ILE D 11 15.97 -14.49 -13.21
CA ILE D 11 14.54 -14.23 -13.03
C ILE D 11 14.27 -13.68 -11.64
N VAL D 12 14.77 -14.35 -10.61
CA VAL D 12 14.57 -13.89 -9.22
C VAL D 12 15.14 -12.48 -9.08
N TYR D 13 16.31 -12.25 -9.66
CA TYR D 13 16.96 -10.95 -9.51
C TYR D 13 16.16 -9.84 -10.16
N ARG D 14 15.70 -10.08 -11.38
CA ARG D 14 14.95 -9.09 -12.10
C ARG D 14 13.62 -8.76 -11.41
N LEU D 15 12.91 -9.77 -10.89
CA LEU D 15 11.60 -9.51 -10.28
C LEU D 15 11.79 -8.90 -8.88
N THR D 16 12.93 -9.18 -8.24
CA THR D 16 13.22 -8.56 -6.96
C THR D 16 13.30 -7.04 -7.15
N VAL D 17 13.97 -6.59 -8.20
CA VAL D 17 14.04 -5.18 -8.50
C VAL D 17 12.67 -4.57 -8.72
N ILE D 18 11.81 -5.28 -9.44
CA ILE D 18 10.47 -4.78 -9.71
C ILE D 18 9.64 -4.67 -8.43
N ILE D 19 9.58 -5.76 -7.69
CA ILE D 19 8.90 -5.78 -6.42
C ILE D 19 9.41 -4.66 -5.51
N ASP D 20 10.73 -4.56 -5.36
CA ASP D 20 11.23 -3.58 -4.44
C ASP D 20 10.90 -2.15 -4.87
N ASP D 21 10.90 -1.87 -6.16
CA ASP D 21 10.59 -0.55 -6.67
CA ASP D 21 10.58 -0.56 -6.69
C ASP D 21 9.15 -0.16 -6.39
N ARG D 22 8.24 -1.12 -6.60
CA ARG D 22 6.81 -0.84 -6.31
C ARG D 22 6.60 -0.71 -4.81
N TYR D 23 7.27 -1.54 -4.04
CA TYR D 23 7.20 -1.45 -2.58
C TYR D 23 7.61 -0.06 -2.07
N GLU D 24 8.75 0.42 -2.55
CA GLU D 24 9.27 1.71 -2.18
C GLU D 24 8.32 2.83 -2.58
N SER D 25 7.73 2.74 -3.77
CA SER D 25 6.76 3.76 -4.19
C SER D 25 5.57 3.79 -3.26
N LEU D 26 5.06 2.62 -2.90
CA LEU D 26 3.91 2.60 -1.99
C LEU D 26 4.29 3.09 -0.59
N LYS D 27 5.43 2.64 -0.08
CA LYS D 27 5.93 3.09 1.21
C LYS D 27 5.98 4.61 1.24
N ASN D 28 6.57 5.18 0.21
CA ASN D 28 6.78 6.60 0.12
C ASN D 28 5.43 7.33 0.01
N LEU D 29 4.50 6.77 -0.74
CA LEU D 29 3.19 7.40 -0.91
C LEU D 29 2.41 7.42 0.42
N ILE D 30 2.32 6.30 1.12
CA ILE D 30 1.64 6.22 2.41
C ILE D 30 2.26 7.22 3.39
N THR D 31 3.57 7.30 3.39
CA THR D 31 4.31 8.14 4.34
C THR D 31 3.98 9.59 4.02
N LEU D 32 4.01 9.94 2.74
CA LEU D 32 3.68 11.29 2.29
C LEU D 32 2.27 11.70 2.62
N ARG D 33 1.30 10.85 2.28
CA ARG D 33 -0.10 11.16 2.57
C ARG D 33 -0.36 11.27 4.08
N ALA D 34 0.26 10.41 4.88
CA ALA D 34 0.15 10.52 6.34
C ALA D 34 0.71 11.84 6.89
N ASP D 35 1.93 12.18 6.46
CA ASP D 35 2.57 13.44 6.84
C ASP D 35 1.69 14.65 6.44
N ARG D 36 1.12 14.59 5.23
CA ARG D 36 0.27 15.68 4.78
C ARG D 36 -0.95 15.86 5.67
N LEU D 37 -1.62 14.75 5.98
CA LEU D 37 -2.80 14.81 6.82
C LEU D 37 -2.46 15.35 8.21
N GLU D 38 -1.35 14.90 8.79
CA GLU D 38 -0.91 15.41 10.08
C GLU D 38 -0.67 16.93 10.06
N MET D 39 -0.03 17.42 9.01
CA MET D 39 0.24 18.85 8.93
CA MET D 39 0.25 18.85 8.84
C MET D 39 -1.06 19.65 8.76
N ILE D 40 -1.98 19.16 7.93
CA ILE D 40 -3.26 19.82 7.74
C ILE D 40 -4.01 19.94 9.05
N ILE D 41 -4.08 18.84 9.77
CA ILE D 41 -4.79 18.79 11.03
C ILE D 41 -4.14 19.77 11.99
N ASN D 42 -2.81 19.78 12.08
CA ASN D 42 -2.13 20.71 12.98
C ASN D 42 -2.35 22.19 12.59
N ASP D 43 -2.30 22.50 11.31
CA ASP D 43 -2.60 23.85 10.84
C ASP D 43 -4.04 24.25 11.18
N ASN D 44 -4.97 23.33 10.98
CA ASN D 44 -6.38 23.63 11.19
C ASN D 44 -6.70 23.86 12.66
N VAL D 45 -6.13 23.03 13.54
CA VAL D 45 -6.35 23.26 14.97
C VAL D 45 -5.86 24.65 15.40
N SER D 46 -4.67 25.06 14.92
CA SER D 46 -4.16 26.41 15.21
C SER D 46 -5.11 27.50 14.73
N THR D 47 -5.58 27.36 13.50
CA THR D 47 -6.52 28.31 12.94
C THR D 47 -7.78 28.40 13.79
N ILE D 48 -8.31 27.24 14.17
CA ILE D 48 -9.50 27.20 15.00
C ILE D 48 -9.27 27.85 16.39
N LEU D 49 -8.16 27.49 17.03
CA LEU D 49 -7.86 28.02 18.36
C LEU D 49 -7.71 29.54 18.29
N ALA D 50 -7.05 30.02 17.25
CA ALA D 50 -6.91 31.45 17.01
C ALA D 50 -8.25 32.17 16.82
N SER D 51 -9.36 31.43 16.77
CA SER D 51 -10.69 32.02 16.60
C SER D 51 -11.54 31.90 17.85
N ILE D 52 -11.34 30.82 18.61
CA ILE D 52 -11.95 30.63 19.94
C ILE D 52 -11.72 29.21 20.44
S2 PS9 E . 2.90 -3.92 -5.20
S3 PS9 E . 4.84 -4.67 -4.73
S4 PS9 E . 5.02 -4.76 -2.68
S5 PS9 E . 4.79 -6.79 -2.11
S6 PS9 E . 2.86 -6.95 -1.47
S7 PS9 E . 1.74 -7.72 -3.08
S8 PS9 E . 0.69 -6.20 -3.99
S9 PS9 E . 1.78 -5.51 -5.63
S2 PS9 F . -5.03 6.17 2.83
S2 PS9 F . -5.82 7.13 4.24
S3 PS9 F . -3.21 5.40 3.46
S3 PS9 F . -4.18 8.33 3.91
S4 PS9 F . -2.28 7.14 3.99
S4 PS9 F . -2.70 8.14 5.27
S5 PS9 F . -1.77 6.96 5.99
S5 PS9 F . -3.33 7.03 6.90
S6 PS9 F . -2.52 5.11 6.62
S6 PS9 F . -2.26 5.24 6.89
S7 PS9 F . -4.52 5.29 7.29
S7 PS9 F . -2.92 3.93 5.39
S8 PS9 F . -5.89 5.10 5.79
S8 PS9 F . -4.95 3.94 5.21
S9 PS9 F . -6.12 6.68 4.50
S9 PS9 F . -5.44 5.18 3.58
S SO4 G . -12.09 1.33 19.03
O1 SO4 G . -12.93 1.63 17.87
O2 SO4 G . -11.78 -0.09 19.05
O3 SO4 G . -10.84 2.07 18.97
O4 SO4 G . -12.81 1.70 20.24
S SO4 H . -7.58 -10.36 4.65
O1 SO4 H . -8.54 -11.20 5.38
O2 SO4 H . -7.71 -10.62 3.22
O3 SO4 H . -6.23 -10.68 5.10
O4 SO4 H . -7.86 -8.96 4.93
S SO4 I . 8.99 6.83 -5.54
O1 SO4 I . 8.38 7.46 -4.39
O2 SO4 I . 7.94 6.40 -6.46
O3 SO4 I . 9.79 5.68 -5.10
O4 SO4 I . 9.85 7.77 -6.23
#